data_1WO3
#
_entry.id   1WO3
#
loop_
_entity.id
_entity.type
_entity.pdbx_description
1 polymer 'CREB Binding Protein'
2 non-polymer 'ZINC ION'
#
_entity_poly.entity_id   1
_entity_poly.type   'polypeptide(L)'
_entity_poly.pdbx_seq_one_letter_code
;AVSACALPKCAAAANVAAHMTHCAK
;
_entity_poly.pdbx_strand_id   A
#
loop_
_chem_comp.id
_chem_comp.type
_chem_comp.name
_chem_comp.formula
ZN non-polymer 'ZINC ION' 'Zn 2'
#
# COMPACT_ATOMS: atom_id res chain seq x y z
N ALA A 1 -3.65 0.80 -5.35
CA ALA A 1 -2.50 -0.14 -5.38
C ALA A 1 -1.26 0.48 -4.73
N VAL A 2 -0.29 -0.36 -4.41
CA VAL A 2 0.94 0.11 -3.78
C VAL A 2 1.66 1.12 -4.67
N SER A 3 1.61 0.89 -5.98
CA SER A 3 2.25 1.78 -6.94
C SER A 3 1.67 3.19 -6.83
N ALA A 4 0.39 3.28 -6.50
CA ALA A 4 -0.29 4.56 -6.37
C ALA A 4 -0.69 4.82 -4.93
N CYS A 5 0.05 4.23 -3.99
CA CYS A 5 -0.24 4.38 -2.57
C CYS A 5 -0.21 5.87 -2.17
N ALA A 6 -1.10 6.25 -1.26
CA ALA A 6 -1.18 7.62 -0.79
C ALA A 6 -0.48 7.77 0.56
N LEU A 7 -0.44 6.69 1.32
CA LEU A 7 0.19 6.69 2.64
C LEU A 7 1.71 6.79 2.50
N PRO A 8 2.40 7.19 3.59
CA PRO A 8 3.86 7.32 3.59
C PRO A 8 4.57 5.97 3.44
N LYS A 9 4.41 5.35 2.27
CA LYS A 9 5.03 4.06 1.99
C LYS A 9 4.50 2.98 2.94
N CYS A 10 3.94 1.93 2.35
CA CYS A 10 3.40 0.82 3.14
C CYS A 10 4.09 -0.49 2.80
N ALA A 11 4.02 -0.87 1.53
CA ALA A 11 4.64 -2.10 1.07
C ALA A 11 6.13 -2.12 1.38
N ALA A 12 6.50 -2.82 2.45
CA ALA A 12 7.89 -2.93 2.86
C ALA A 12 8.54 -4.20 2.32
N ALA A 13 7.95 -4.76 1.28
CA ALA A 13 8.47 -5.98 0.66
C ALA A 13 7.67 -6.37 -0.57
N ALA A 14 7.22 -5.36 -1.32
CA ALA A 14 6.44 -5.59 -2.52
C ALA A 14 5.19 -6.41 -2.23
N ASN A 15 4.33 -5.90 -1.36
CA ASN A 15 3.10 -6.59 -1.00
C ASN A 15 1.93 -5.62 -0.97
N VAL A 16 1.19 -5.62 -2.06
CA VAL A 16 0.03 -4.78 -2.22
C VAL A 16 -1.00 -5.04 -1.12
N ALA A 17 -1.20 -6.31 -0.78
CA ALA A 17 -2.16 -6.70 0.25
C ALA A 17 -1.87 -5.96 1.55
N ALA A 18 -0.61 -6.00 1.99
CA ALA A 18 -0.21 -5.32 3.22
C ALA A 18 -0.47 -3.82 3.11
N HIS A 19 -0.55 -3.32 1.88
CA HIS A 19 -0.79 -1.90 1.64
C HIS A 19 -2.30 -1.61 1.53
N MET A 20 -2.94 -2.17 0.51
CA MET A 20 -4.36 -1.95 0.28
C MET A 20 -5.18 -2.19 1.56
N THR A 21 -4.64 -2.98 2.48
CA THR A 21 -5.32 -3.28 3.73
C THR A 21 -5.79 -2.02 4.46
N HIS A 22 -5.13 -0.89 4.18
CA HIS A 22 -5.48 0.37 4.81
C HIS A 22 -5.71 1.46 3.78
N CYS A 23 -4.94 1.40 2.71
CA CYS A 23 -5.03 2.37 1.64
C CYS A 23 -6.15 2.02 0.67
N ALA A 24 -6.26 2.79 -0.41
CA ALA A 24 -7.29 2.56 -1.42
C ALA A 24 -8.69 2.67 -0.80
N LYS A 25 -9.04 3.86 -0.35
CA LYS A 25 -10.34 4.10 0.25
C LYS A 25 -10.72 5.58 0.17
ZN ZN B . -0.39 2.52 1.29
N ALA A 1 -4.26 -0.11 -4.43
CA ALA A 1 -3.13 -0.26 -5.37
C ALA A 1 -1.87 0.40 -4.81
N VAL A 2 -0.89 -0.42 -4.44
CA VAL A 2 0.36 0.09 -3.89
C VAL A 2 1.07 0.99 -4.89
N SER A 3 0.87 0.72 -6.17
CA SER A 3 1.50 1.51 -7.23
C SER A 3 1.05 2.97 -7.15
N ALA A 4 -0.19 3.19 -6.72
CA ALA A 4 -0.74 4.53 -6.60
C ALA A 4 -1.00 4.88 -5.14
N CYS A 5 -0.22 4.29 -4.24
CA CYS A 5 -0.36 4.55 -2.81
C CYS A 5 0.13 5.95 -2.47
N ALA A 6 -0.50 6.56 -1.47
CA ALA A 6 -0.13 7.90 -1.04
C ALA A 6 0.54 7.86 0.33
N LEU A 7 0.27 6.79 1.09
CA LEU A 7 0.86 6.65 2.42
C LEU A 7 2.38 6.54 2.34
N PRO A 8 3.10 7.21 3.26
CA PRO A 8 4.56 7.19 3.29
C PRO A 8 5.11 5.91 3.91
N LYS A 9 6.10 5.31 3.26
CA LYS A 9 6.72 4.09 3.77
C LYS A 9 5.67 2.99 3.93
N CYS A 10 4.65 3.02 3.08
CA CYS A 10 3.58 2.02 3.13
C CYS A 10 4.11 0.65 2.75
N ALA A 11 4.79 0.57 1.60
CA ALA A 11 5.35 -0.69 1.12
C ALA A 11 6.30 -1.30 2.15
N ALA A 12 5.94 -2.48 2.65
CA ALA A 12 6.76 -3.16 3.64
C ALA A 12 7.70 -4.16 2.98
N ALA A 13 7.29 -4.69 1.82
CA ALA A 13 8.11 -5.65 1.09
C ALA A 13 7.52 -5.91 -0.29
N ALA A 14 6.94 -4.88 -0.89
CA ALA A 14 6.34 -5.01 -2.22
C ALA A 14 5.18 -6.00 -2.21
N ASN A 15 4.18 -5.73 -1.38
CA ASN A 15 3.01 -6.60 -1.26
C ASN A 15 1.73 -5.78 -1.24
N VAL A 16 1.12 -5.68 -2.40
CA VAL A 16 -0.13 -4.95 -2.57
C VAL A 16 -1.12 -5.29 -1.44
N ALA A 17 -1.25 -6.58 -1.13
CA ALA A 17 -2.15 -7.02 -0.08
C ALA A 17 -1.87 -6.29 1.22
N ALA A 18 -0.61 -6.28 1.63
CA ALA A 18 -0.21 -5.61 2.85
C ALA A 18 -0.51 -4.11 2.79
N HIS A 19 -0.63 -3.60 1.56
CA HIS A 19 -0.93 -2.19 1.35
C HIS A 19 -2.44 -1.94 1.29
N MET A 20 -3.11 -2.52 0.30
CA MET A 20 -4.55 -2.33 0.13
C MET A 20 -5.31 -2.60 1.44
N THR A 21 -4.71 -3.38 2.34
CA THR A 21 -5.33 -3.72 3.61
C THR A 21 -5.78 -2.46 4.37
N HIS A 22 -5.16 -1.33 4.08
CA HIS A 22 -5.50 -0.07 4.75
C HIS A 22 -5.81 1.01 3.74
N CYS A 23 -5.09 0.98 2.63
CA CYS A 23 -5.25 1.96 1.57
C CYS A 23 -6.41 1.59 0.65
N ALA A 24 -7.63 1.87 1.08
CA ALA A 24 -8.81 1.57 0.29
C ALA A 24 -9.88 2.65 0.47
N LYS A 25 -9.44 3.89 0.60
CA LYS A 25 -10.36 5.01 0.77
C LYS A 25 -10.46 5.85 -0.50
ZN ZN B . -0.64 2.25 1.01
N ALA A 1 -4.20 0.68 -5.36
CA ALA A 1 -3.08 -0.30 -5.26
C ALA A 1 -1.82 0.37 -4.74
N VAL A 2 -0.82 -0.44 -4.39
CA VAL A 2 0.44 0.07 -3.88
C VAL A 2 1.11 0.98 -4.89
N SER A 3 0.88 0.71 -6.18
CA SER A 3 1.46 1.50 -7.25
C SER A 3 1.00 2.96 -7.16
N ALA A 4 -0.24 3.15 -6.70
CA ALA A 4 -0.80 4.49 -6.58
C ALA A 4 -1.05 4.84 -5.12
N CYS A 5 -0.25 4.26 -4.23
CA CYS A 5 -0.38 4.52 -2.81
C CYS A 5 0.11 5.93 -2.46
N ALA A 6 -0.52 6.54 -1.47
CA ALA A 6 -0.16 7.87 -1.02
C ALA A 6 0.52 7.84 0.34
N LEU A 7 0.27 6.78 1.10
CA LEU A 7 0.86 6.63 2.42
C LEU A 7 2.38 6.53 2.33
N PRO A 8 3.11 7.20 3.25
CA PRO A 8 4.56 7.18 3.27
C PRO A 8 5.12 5.90 3.89
N LYS A 9 6.11 5.32 3.23
CA LYS A 9 6.72 4.09 3.73
C LYS A 9 5.69 2.99 3.90
N CYS A 10 4.66 3.01 3.06
CA CYS A 10 3.59 2.01 3.12
C CYS A 10 4.12 0.64 2.74
N ALA A 11 4.80 0.56 1.60
CA ALA A 11 5.35 -0.69 1.11
C ALA A 11 6.31 -1.31 2.13
N ALA A 12 5.93 -2.47 2.66
CA ALA A 12 6.75 -3.16 3.66
C ALA A 12 7.69 -4.15 3.00
N ALA A 13 7.28 -4.67 1.84
CA ALA A 13 8.10 -5.63 1.10
C ALA A 13 7.51 -5.91 -0.27
N ALA A 14 6.93 -4.87 -0.87
CA ALA A 14 6.34 -5.00 -2.21
C ALA A 14 5.18 -6.00 -2.19
N ASN A 15 4.18 -5.73 -1.36
CA ASN A 15 3.02 -6.60 -1.25
C ASN A 15 1.74 -5.80 -1.22
N VAL A 16 1.11 -5.69 -2.38
CA VAL A 16 -0.14 -4.97 -2.54
C VAL A 16 -1.13 -5.30 -1.43
N ALA A 17 -1.25 -6.59 -1.11
CA ALA A 17 -2.16 -7.03 -0.07
C ALA A 17 -1.87 -6.31 1.24
N ALA A 18 -0.61 -6.30 1.65
CA ALA A 18 -0.20 -5.63 2.87
C ALA A 18 -0.52 -4.14 2.80
N HIS A 19 -0.63 -3.62 1.59
CA HIS A 19 -0.93 -2.22 1.37
C HIS A 19 -2.44 -1.96 1.32
N MET A 20 -3.11 -2.54 0.33
CA MET A 20 -4.55 -2.35 0.17
C MET A 20 -5.30 -2.62 1.47
N THR A 21 -4.70 -3.39 2.37
CA THR A 21 -5.32 -3.73 3.65
C THR A 21 -5.77 -2.48 4.41
N HIS A 22 -5.15 -1.34 4.11
CA HIS A 22 -5.48 -0.09 4.79
C HIS A 22 -5.80 1.01 3.78
N CYS A 23 -5.08 0.96 2.66
CA CYS A 23 -5.25 1.94 1.61
C CYS A 23 -6.40 1.57 0.69
N ALA A 24 -7.57 2.15 0.95
CA ALA A 24 -8.76 1.88 0.14
C ALA A 24 -9.66 3.11 0.07
N LYS A 25 -9.04 4.29 0.00
CA LYS A 25 -9.79 5.53 -0.07
C LYS A 25 -9.24 6.43 -1.18
ZN ZN B . -0.64 2.23 1.03
N ALA A 1 -4.28 0.59 -5.02
CA ALA A 1 -3.09 -0.28 -5.28
C ALA A 1 -1.82 0.38 -4.75
N VAL A 2 -0.84 -0.44 -4.40
CA VAL A 2 0.43 0.06 -3.89
C VAL A 2 1.11 0.97 -4.90
N SER A 3 0.88 0.70 -6.18
CA SER A 3 1.47 1.50 -7.25
C SER A 3 1.01 2.94 -7.18
N ALA A 4 -0.22 3.14 -6.71
CA ALA A 4 -0.79 4.48 -6.58
C ALA A 4 -1.04 4.84 -5.12
N CYS A 5 -0.24 4.26 -4.23
CA CYS A 5 -0.38 4.52 -2.81
C CYS A 5 0.11 5.93 -2.46
N ALA A 6 -0.53 6.53 -1.46
CA ALA A 6 -0.17 7.87 -1.03
C ALA A 6 0.51 7.84 0.34
N LEU A 7 0.27 6.78 1.10
CA LEU A 7 0.85 6.63 2.42
C LEU A 7 2.38 6.53 2.33
N PRO A 8 3.10 7.21 3.25
CA PRO A 8 4.57 7.19 3.28
C PRO A 8 5.13 5.91 3.89
N LYS A 9 6.11 5.32 3.23
CA LYS A 9 6.73 4.09 3.71
C LYS A 9 5.69 2.99 3.89
N CYS A 10 4.66 3.02 3.07
CA CYS A 10 3.60 2.03 3.12
C CYS A 10 4.12 0.64 2.74
N ALA A 11 4.80 0.57 1.61
CA ALA A 11 5.36 -0.69 1.13
C ALA A 11 6.30 -1.30 2.15
N ALA A 12 5.93 -2.47 2.67
CA ALA A 12 6.75 -3.16 3.66
C ALA A 12 7.70 -4.15 3.00
N ALA A 13 7.29 -4.68 1.84
CA ALA A 13 8.10 -5.64 1.11
C ALA A 13 7.52 -5.91 -0.27
N ALA A 14 6.94 -4.88 -0.88
CA ALA A 14 6.34 -5.01 -2.20
C ALA A 14 5.19 -6.01 -2.19
N ASN A 15 4.19 -5.73 -1.35
CA ASN A 15 3.02 -6.60 -1.25
C ASN A 15 1.74 -5.79 -1.22
N VAL A 16 1.12 -5.69 -2.39
CA VAL A 16 -0.12 -4.96 -2.55
C VAL A 16 -1.12 -5.29 -1.44
N ALA A 17 -1.25 -6.58 -1.13
CA ALA A 17 -2.17 -7.03 -0.09
C ALA A 17 -1.87 -6.30 1.22
N ALA A 18 -0.61 -6.29 1.63
CA ALA A 18 -0.21 -5.63 2.86
C ALA A 18 -0.52 -4.14 2.79
N HIS A 19 -0.64 -3.62 1.57
CA HIS A 19 -0.94 -2.21 1.36
C HIS A 19 -2.45 -1.95 1.31
N MET A 20 -3.11 -2.52 0.31
CA MET A 20 -4.56 -2.34 0.15
C MET A 20 -5.31 -2.61 1.46
N THR A 21 -4.71 -3.39 2.34
CA THR A 21 -5.34 -3.73 3.63
C THR A 21 -5.77 -2.48 4.39
N HIS A 22 -5.15 -1.34 4.11
CA HIS A 22 -5.48 -0.09 4.78
C HIS A 22 -5.80 1.00 3.77
N CYS A 23 -5.09 0.97 2.65
CA CYS A 23 -5.25 1.95 1.60
C CYS A 23 -6.41 1.59 0.68
N ALA A 24 -7.61 2.01 1.05
CA ALA A 24 -8.80 1.74 0.25
C ALA A 24 -9.87 2.80 0.45
N LYS A 25 -9.42 4.05 0.59
CA LYS A 25 -10.34 5.17 0.79
C LYS A 25 -10.02 6.31 -0.18
ZN ZN B . -0.63 2.25 1.03
N ALA A 1 -4.30 0.63 -5.05
CA ALA A 1 -3.11 -0.25 -5.29
C ALA A 1 -1.85 0.41 -4.75
N VAL A 2 -0.87 -0.42 -4.41
CA VAL A 2 0.40 0.07 -3.89
C VAL A 2 1.10 0.99 -4.90
N SER A 3 0.87 0.71 -6.18
CA SER A 3 1.47 1.51 -7.24
C SER A 3 1.01 2.96 -7.17
N ALA A 4 -0.22 3.16 -6.71
CA ALA A 4 -0.78 4.50 -6.59
C ALA A 4 -1.03 4.87 -5.13
N CYS A 5 -0.25 4.27 -4.23
CA CYS A 5 -0.38 4.54 -2.80
C CYS A 5 0.12 5.93 -2.46
N ALA A 6 -0.53 6.55 -1.48
CA ALA A 6 -0.14 7.89 -1.04
C ALA A 6 0.53 7.85 0.33
N LEU A 7 0.27 6.79 1.09
CA LEU A 7 0.86 6.64 2.41
C LEU A 7 2.39 6.53 2.32
N PRO A 8 3.11 7.21 3.23
CA PRO A 8 4.57 7.19 3.25
C PRO A 8 5.13 5.92 3.88
N LYS A 9 6.11 5.31 3.22
CA LYS A 9 6.73 4.09 3.72
C LYS A 9 5.68 2.99 3.90
N CYS A 10 4.66 3.02 3.07
CA CYS A 10 3.58 2.03 3.14
C CYS A 10 4.11 0.64 2.76
N ALA A 11 4.78 0.56 1.62
CA ALA A 11 5.33 -0.71 1.14
C ALA A 11 6.28 -1.31 2.16
N ALA A 12 5.93 -2.49 2.67
CA ALA A 12 6.74 -3.18 3.66
C ALA A 12 7.69 -4.17 3.00
N ALA A 13 7.30 -4.69 1.84
CA ALA A 13 8.12 -5.64 1.11
C ALA A 13 7.53 -5.92 -0.28
N ALA A 14 6.95 -4.89 -0.89
CA ALA A 14 6.35 -5.02 -2.21
C ALA A 14 5.20 -6.02 -2.20
N ASN A 15 4.19 -5.74 -1.36
CA ASN A 15 3.03 -6.61 -1.25
C ASN A 15 1.74 -5.80 -1.22
N VAL A 16 1.12 -5.69 -2.38
CA VAL A 16 -0.12 -4.96 -2.54
C VAL A 16 -1.11 -5.31 -1.43
N ALA A 17 -1.23 -6.59 -1.11
CA ALA A 17 -2.14 -7.04 -0.07
C ALA A 17 -1.86 -6.30 1.25
N ALA A 18 -0.60 -6.30 1.65
CA ALA A 18 -0.20 -5.62 2.88
C ALA A 18 -0.51 -4.13 2.80
N HIS A 19 -0.63 -3.62 1.58
CA HIS A 19 -0.93 -2.21 1.36
C HIS A 19 -2.44 -1.96 1.31
N MET A 20 -3.11 -2.53 0.32
CA MET A 20 -4.55 -2.36 0.15
C MET A 20 -5.30 -2.62 1.46
N THR A 21 -4.70 -3.40 2.35
CA THR A 21 -5.32 -3.73 3.63
C THR A 21 -5.78 -2.49 4.39
N HIS A 22 -5.15 -1.35 4.10
CA HIS A 22 -5.49 -0.10 4.77
C HIS A 22 -5.81 1.00 3.76
N CYS A 23 -5.09 0.95 2.64
CA CYS A 23 -5.26 1.93 1.59
C CYS A 23 -6.41 1.56 0.66
N ALA A 24 -7.60 1.41 1.24
CA ALA A 24 -8.79 1.06 0.47
C ALA A 24 -9.81 2.20 0.46
N LYS A 25 -9.30 3.43 0.41
CA LYS A 25 -10.16 4.61 0.39
C LYS A 25 -10.65 4.91 -1.01
ZN ZN B . -0.65 2.24 1.02
N ALA A 1 -4.35 -0.10 -4.92
CA ALA A 1 -3.10 -0.39 -5.67
C ALA A 1 -1.91 0.31 -5.03
N VAL A 2 -0.95 -0.48 -4.57
CA VAL A 2 0.24 0.06 -3.94
C VAL A 2 1.00 1.00 -4.88
N SER A 3 0.89 0.73 -6.18
CA SER A 3 1.55 1.55 -7.18
C SER A 3 1.10 3.00 -7.10
N ALA A 4 -0.15 3.20 -6.70
CA ALA A 4 -0.71 4.54 -6.58
C ALA A 4 -0.98 4.90 -5.12
N CYS A 5 -0.21 4.29 -4.22
CA CYS A 5 -0.36 4.54 -2.78
C CYS A 5 0.12 5.95 -2.44
N ALA A 6 -0.51 6.55 -1.44
CA ALA A 6 -0.15 7.90 -1.01
C ALA A 6 0.53 7.85 0.37
N LEU A 7 0.27 6.79 1.12
CA LEU A 7 0.86 6.64 2.45
C LEU A 7 2.38 6.54 2.36
N PRO A 8 3.10 7.21 3.28
CA PRO A 8 4.56 7.19 3.30
C PRO A 8 5.12 5.91 3.92
N LYS A 9 6.12 5.32 3.26
CA LYS A 9 6.73 4.09 3.76
C LYS A 9 5.69 2.99 3.92
N CYS A 10 4.66 3.02 3.09
CA CYS A 10 3.60 2.02 3.14
C CYS A 10 4.12 0.65 2.76
N ALA A 11 4.81 0.57 1.62
CA ALA A 11 5.36 -0.68 1.14
C ALA A 11 6.31 -1.30 2.16
N ALA A 12 5.96 -2.47 2.66
CA ALA A 12 6.77 -3.17 3.64
C ALA A 12 7.71 -4.17 2.98
N ALA A 13 7.30 -4.69 1.82
CA ALA A 13 8.10 -5.66 1.10
C ALA A 13 7.51 -5.92 -0.29
N ALA A 14 6.94 -4.89 -0.89
CA ALA A 14 6.34 -5.01 -2.22
C ALA A 14 5.18 -6.01 -2.20
N ASN A 15 4.18 -5.73 -1.37
CA ASN A 15 3.01 -6.60 -1.26
C ASN A 15 1.73 -5.79 -1.23
N VAL A 16 1.11 -5.68 -2.39
CA VAL A 16 -0.14 -4.94 -2.55
C VAL A 16 -1.12 -5.28 -1.43
N ALA A 17 -1.25 -6.57 -1.13
CA ALA A 17 -2.16 -7.01 -0.08
C ALA A 17 -1.88 -6.28 1.24
N ALA A 18 -0.61 -6.28 1.63
CA ALA A 18 -0.20 -5.61 2.86
C ALA A 18 -0.52 -4.12 2.80
N HIS A 19 -0.63 -3.60 1.58
CA HIS A 19 -0.93 -2.19 1.37
C HIS A 19 -2.44 -1.93 1.32
N MET A 20 -3.11 -2.51 0.32
CA MET A 20 -4.55 -2.32 0.16
C MET A 20 -5.30 -2.59 1.48
N THR A 21 -4.70 -3.38 2.37
CA THR A 21 -5.33 -3.71 3.64
C THR A 21 -5.77 -2.47 4.41
N HIS A 22 -5.14 -1.32 4.12
CA HIS A 22 -5.48 -0.07 4.79
C HIS A 22 -5.80 1.01 3.78
N CYS A 23 -5.09 0.99 2.67
CA CYS A 23 -5.25 1.96 1.62
C CYS A 23 -6.41 1.60 0.70
N ALA A 24 -7.59 2.14 0.99
CA ALA A 24 -8.77 1.86 0.19
C ALA A 24 -9.85 2.90 0.45
N LYS A 25 -9.44 4.13 0.71
CA LYS A 25 -10.38 5.22 0.98
C LYS A 25 -10.46 6.18 -0.20
ZN ZN B . -0.63 2.26 1.04
N ALA A 1 -3.98 0.59 -5.33
CA ALA A 1 -2.86 -0.38 -5.13
C ALA A 1 -1.59 0.32 -4.67
N VAL A 2 -0.57 -0.47 -4.35
CA VAL A 2 0.70 0.09 -3.90
C VAL A 2 1.30 1.02 -4.94
N SER A 3 1.00 0.75 -6.21
CA SER A 3 1.52 1.58 -7.31
C SER A 3 0.97 3.00 -7.22
N ALA A 4 -0.25 3.13 -6.70
CA ALA A 4 -0.89 4.43 -6.56
C ALA A 4 -1.14 4.77 -5.10
N CYS A 5 -0.29 4.23 -4.22
CA CYS A 5 -0.41 4.49 -2.79
C CYS A 5 0.04 5.90 -2.44
N ALA A 6 -0.60 6.48 -1.43
CA ALA A 6 -0.27 7.83 -0.99
C ALA A 6 0.43 7.80 0.37
N LEU A 7 0.21 6.73 1.13
CA LEU A 7 0.81 6.60 2.45
C LEU A 7 2.34 6.51 2.35
N PRO A 8 3.05 7.19 3.26
CA PRO A 8 4.52 7.19 3.27
C PRO A 8 5.10 5.92 3.88
N LYS A 9 6.09 5.35 3.22
CA LYS A 9 6.73 4.12 3.71
C LYS A 9 5.71 3.01 3.87
N CYS A 10 4.67 3.03 3.05
CA CYS A 10 3.62 2.02 3.10
C CYS A 10 4.17 0.65 2.70
N ALA A 11 4.85 0.60 1.57
CA ALA A 11 5.42 -0.65 1.07
C ALA A 11 6.36 -1.27 2.10
N ALA A 12 5.98 -2.43 2.61
CA ALA A 12 6.79 -3.13 3.60
C ALA A 12 7.71 -4.15 2.94
N ALA A 13 7.28 -4.66 1.79
CA ALA A 13 8.08 -5.65 1.07
C ALA A 13 7.47 -5.93 -0.31
N ALA A 14 6.90 -4.90 -0.93
CA ALA A 14 6.29 -5.04 -2.23
C ALA A 14 5.13 -6.02 -2.20
N ASN A 15 4.13 -5.74 -1.36
CA ASN A 15 2.97 -6.60 -1.23
C ASN A 15 1.69 -5.79 -1.21
N VAL A 16 1.06 -5.69 -2.37
CA VAL A 16 -0.18 -4.96 -2.53
C VAL A 16 -1.17 -5.30 -1.42
N ALA A 17 -1.32 -6.58 -1.11
CA ALA A 17 -2.22 -7.02 -0.06
C ALA A 17 -1.93 -6.30 1.25
N ALA A 18 -0.67 -6.31 1.64
CA ALA A 18 -0.26 -5.64 2.88
C ALA A 18 -0.56 -4.15 2.82
N HIS A 19 -0.68 -3.62 1.59
CA HIS A 19 -0.97 -2.22 1.38
C HIS A 19 -2.47 -1.95 1.33
N MET A 20 -3.15 -2.52 0.33
CA MET A 20 -4.59 -2.32 0.18
C MET A 20 -5.34 -2.58 1.48
N THR A 21 -4.74 -3.37 2.36
CA THR A 21 -5.37 -3.71 3.65
C THR A 21 -5.79 -2.45 4.42
N HIS A 22 -5.15 -1.32 4.13
CA HIS A 22 -5.47 -0.06 4.81
C HIS A 22 -5.77 1.03 3.81
N CYS A 23 -5.08 0.99 2.68
CA CYS A 23 -5.23 1.98 1.64
C CYS A 23 -6.40 1.62 0.72
N ALA A 24 -6.58 2.42 -0.34
CA ALA A 24 -7.65 2.20 -1.29
C ALA A 24 -9.01 2.26 -0.60
N LYS A 25 -9.36 3.44 -0.11
CA LYS A 25 -10.64 3.64 0.57
C LYS A 25 -11.70 4.15 -0.40
ZN ZN B . -0.62 2.23 1.04
N ALA A 1 -4.20 0.36 -4.97
CA ALA A 1 -2.96 -0.42 -5.23
C ALA A 1 -1.73 0.31 -4.71
N VAL A 2 -0.71 -0.46 -4.34
CA VAL A 2 0.53 0.11 -3.83
C VAL A 2 1.16 1.05 -4.85
N SER A 3 0.95 0.76 -6.13
CA SER A 3 1.49 1.58 -7.22
C SER A 3 0.98 3.01 -7.13
N ALA A 4 -0.27 3.15 -6.70
CA ALA A 4 -0.88 4.48 -6.56
C ALA A 4 -1.12 4.83 -5.10
N CYS A 5 -0.29 4.28 -4.22
CA CYS A 5 -0.41 4.54 -2.79
C CYS A 5 0.09 5.93 -2.45
N ALA A 6 -0.53 6.55 -1.45
CA ALA A 6 -0.16 7.89 -1.02
C ALA A 6 0.54 7.85 0.33
N LEU A 7 0.29 6.78 1.09
CA LEU A 7 0.91 6.62 2.41
C LEU A 7 2.42 6.53 2.30
N PRO A 8 3.16 7.17 3.23
CA PRO A 8 4.63 7.14 3.22
C PRO A 8 5.19 5.85 3.82
N LYS A 9 6.16 5.27 3.14
CA LYS A 9 6.78 4.03 3.61
C LYS A 9 5.74 2.93 3.79
N CYS A 10 4.68 2.97 2.99
CA CYS A 10 3.61 1.99 3.07
C CYS A 10 4.11 0.60 2.68
N ALA A 11 4.79 0.53 1.54
CA ALA A 11 5.33 -0.74 1.05
C ALA A 11 6.27 -1.36 2.07
N ALA A 12 5.82 -2.43 2.72
CA ALA A 12 6.62 -3.12 3.72
C ALA A 12 7.59 -4.09 3.07
N ALA A 13 7.21 -4.61 1.90
CA ALA A 13 8.06 -5.55 1.17
C ALA A 13 7.50 -5.83 -0.22
N ALA A 14 6.90 -4.80 -0.83
CA ALA A 14 6.33 -4.93 -2.16
C ALA A 14 5.18 -5.94 -2.17
N ASN A 15 4.17 -5.68 -1.35
CA ASN A 15 3.01 -6.57 -1.26
C ASN A 15 1.72 -5.76 -1.23
N VAL A 16 1.11 -5.66 -2.40
CA VAL A 16 -0.14 -4.94 -2.58
C VAL A 16 -1.14 -5.28 -1.47
N ALA A 17 -1.26 -6.58 -1.16
CA ALA A 17 -2.17 -7.03 -0.12
C ALA A 17 -1.88 -6.31 1.20
N ALA A 18 -0.62 -6.30 1.60
CA ALA A 18 -0.22 -5.65 2.83
C ALA A 18 -0.53 -4.14 2.77
N HIS A 19 -0.65 -3.63 1.55
CA HIS A 19 -0.95 -2.21 1.35
C HIS A 19 -2.46 -1.96 1.31
N MET A 20 -3.13 -2.53 0.31
CA MET A 20 -4.57 -2.35 0.16
C MET A 20 -5.32 -2.61 1.46
N THR A 21 -4.71 -3.40 2.35
CA THR A 21 -5.33 -3.74 3.63
C THR A 21 -5.77 -2.49 4.41
N HIS A 22 -5.14 -1.36 4.11
CA HIS A 22 -5.47 -0.11 4.79
C HIS A 22 -5.79 0.99 3.80
N CYS A 23 -5.09 0.96 2.68
CA CYS A 23 -5.25 1.95 1.63
C CYS A 23 -6.42 1.58 0.71
N ALA A 24 -7.44 2.42 0.72
CA ALA A 24 -8.62 2.19 -0.12
C ALA A 24 -9.45 3.47 -0.25
N LYS A 25 -8.78 4.61 -0.24
CA LYS A 25 -9.47 5.89 -0.36
C LYS A 25 -8.78 6.78 -1.40
ZN ZN B . -0.64 2.24 1.03
N ALA A 1 -4.31 0.18 -5.15
CA ALA A 1 -3.03 -0.44 -5.58
C ALA A 1 -1.83 0.28 -4.97
N VAL A 2 -0.85 -0.50 -4.52
CA VAL A 2 0.35 0.06 -3.92
C VAL A 2 1.07 1.01 -4.88
N SER A 3 0.94 0.74 -6.17
CA SER A 3 1.57 1.56 -7.19
C SER A 3 1.07 3.00 -7.11
N ALA A 4 -0.17 3.18 -6.69
CA ALA A 4 -0.77 4.50 -6.57
C ALA A 4 -1.02 4.85 -5.10
N CYS A 5 -0.23 4.27 -4.20
CA CYS A 5 -0.38 4.53 -2.78
C CYS A 5 0.11 5.94 -2.43
N ALA A 6 -0.54 6.53 -1.43
CA ALA A 6 -0.17 7.88 -0.99
C ALA A 6 0.52 7.84 0.37
N LEU A 7 0.26 6.77 1.13
CA LEU A 7 0.86 6.62 2.45
C LEU A 7 2.39 6.53 2.36
N PRO A 8 3.11 7.20 3.27
CA PRO A 8 4.57 7.19 3.28
C PRO A 8 5.13 5.91 3.90
N LYS A 9 6.12 5.32 3.23
CA LYS A 9 6.75 4.10 3.71
C LYS A 9 5.71 2.99 3.89
N CYS A 10 4.68 3.01 3.06
CA CYS A 10 3.62 2.03 3.12
C CYS A 10 4.14 0.65 2.73
N ALA A 11 4.81 0.57 1.59
CA ALA A 11 5.37 -0.68 1.10
C ALA A 11 6.31 -1.30 2.13
N ALA A 12 5.91 -2.45 2.67
CA ALA A 12 6.72 -3.15 3.67
C ALA A 12 7.67 -4.14 3.00
N ALA A 13 7.27 -4.66 1.84
CA ALA A 13 8.08 -5.61 1.11
C ALA A 13 7.50 -5.89 -0.27
N ALA A 14 6.92 -4.86 -0.88
CA ALA A 14 6.32 -4.99 -2.21
C ALA A 14 5.17 -5.99 -2.19
N ASN A 15 4.16 -5.71 -1.37
CA ASN A 15 3.00 -6.58 -1.26
C ASN A 15 1.72 -5.78 -1.22
N VAL A 16 1.10 -5.67 -2.38
CA VAL A 16 -0.15 -4.94 -2.55
C VAL A 16 -1.14 -5.28 -1.43
N ALA A 17 -1.26 -6.56 -1.13
CA ALA A 17 -2.18 -7.01 -0.08
C ALA A 17 -1.89 -6.29 1.23
N ALA A 18 -0.62 -6.29 1.63
CA ALA A 18 -0.22 -5.63 2.86
C ALA A 18 -0.52 -4.14 2.79
N HIS A 19 -0.65 -3.61 1.58
CA HIS A 19 -0.94 -2.20 1.37
C HIS A 19 -2.45 -1.95 1.33
N MET A 20 -3.12 -2.52 0.33
CA MET A 20 -4.56 -2.32 0.18
C MET A 20 -5.31 -2.60 1.49
N THR A 21 -4.71 -3.38 2.37
CA THR A 21 -5.33 -3.72 3.65
C THR A 21 -5.77 -2.47 4.42
N HIS A 22 -5.14 -1.33 4.12
CA HIS A 22 -5.47 -0.09 4.81
C HIS A 22 -5.78 1.01 3.81
N CYS A 23 -5.08 0.97 2.69
CA CYS A 23 -5.24 1.96 1.64
C CYS A 23 -6.40 1.60 0.72
N ALA A 24 -7.54 2.26 0.93
CA ALA A 24 -8.73 2.01 0.12
C ALA A 24 -9.72 3.16 0.23
N LYS A 25 -9.20 4.38 0.30
CA LYS A 25 -10.04 5.56 0.42
C LYS A 25 -9.72 6.56 -0.70
ZN ZN B . -0.63 2.25 1.05
N ALA A 1 -4.03 0.24 -5.12
CA ALA A 1 -2.78 -0.54 -5.33
C ALA A 1 -1.57 0.22 -4.80
N VAL A 2 -0.53 -0.52 -4.43
CA VAL A 2 0.69 0.08 -3.90
C VAL A 2 1.30 1.05 -4.90
N SER A 3 1.09 0.78 -6.19
CA SER A 3 1.62 1.62 -7.25
C SER A 3 1.04 3.03 -7.16
N ALA A 4 -0.20 3.13 -6.68
CA ALA A 4 -0.87 4.41 -6.55
C ALA A 4 -1.12 4.76 -5.09
N CYS A 5 -0.28 4.23 -4.21
CA CYS A 5 -0.42 4.48 -2.77
C CYS A 5 0.03 5.90 -2.42
N ALA A 6 -0.61 6.47 -1.41
CA ALA A 6 -0.29 7.82 -0.97
C ALA A 6 0.41 7.80 0.39
N LEU A 7 0.19 6.73 1.15
CA LEU A 7 0.81 6.59 2.46
C LEU A 7 2.33 6.52 2.36
N PRO A 8 3.05 7.20 3.27
CA PRO A 8 4.52 7.20 3.28
C PRO A 8 5.09 5.94 3.90
N LYS A 9 6.09 5.36 3.23
CA LYS A 9 6.73 4.15 3.71
C LYS A 9 5.72 3.02 3.88
N CYS A 10 4.68 3.05 3.05
CA CYS A 10 3.64 2.03 3.10
C CYS A 10 4.18 0.67 2.69
N ALA A 11 4.87 0.62 1.56
CA ALA A 11 5.45 -0.62 1.05
C ALA A 11 6.38 -1.25 2.08
N ALA A 12 5.99 -2.42 2.59
CA ALA A 12 6.79 -3.13 3.59
C ALA A 12 7.71 -4.15 2.92
N ALA A 13 7.28 -4.66 1.77
CA ALA A 13 8.06 -5.65 1.04
C ALA A 13 7.44 -5.93 -0.33
N ALA A 14 6.88 -4.90 -0.94
CA ALA A 14 6.26 -5.02 -2.25
C ALA A 14 5.10 -6.01 -2.22
N ASN A 15 4.12 -5.73 -1.38
CA ASN A 15 2.95 -6.59 -1.25
C ASN A 15 1.67 -5.77 -1.22
N VAL A 16 1.04 -5.67 -2.38
CA VAL A 16 -0.21 -4.95 -2.54
C VAL A 16 -1.20 -5.27 -1.42
N ALA A 17 -1.34 -6.56 -1.13
CA ALA A 17 -2.25 -7.00 -0.08
C ALA A 17 -1.96 -6.30 1.24
N ALA A 18 -0.69 -6.30 1.64
CA ALA A 18 -0.28 -5.64 2.87
C ALA A 18 -0.57 -4.15 2.80
N HIS A 19 -0.68 -3.62 1.59
CA HIS A 19 -0.98 -2.21 1.39
C HIS A 19 -2.48 -1.94 1.33
N MET A 20 -3.16 -2.50 0.34
CA MET A 20 -4.59 -2.30 0.18
C MET A 20 -5.35 -2.56 1.49
N THR A 21 -4.76 -3.35 2.38
CA THR A 21 -5.38 -3.69 3.65
C THR A 21 -5.79 -2.44 4.43
N HIS A 22 -5.15 -1.31 4.14
CA HIS A 22 -5.46 -0.06 4.82
C HIS A 22 -5.76 1.06 3.83
N CYS A 23 -5.07 1.00 2.71
CA CYS A 23 -5.23 2.00 1.66
C CYS A 23 -6.40 1.65 0.74
N ALA A 24 -7.61 1.96 1.20
CA ALA A 24 -8.81 1.68 0.42
C ALA A 24 -9.77 2.86 0.45
N LYS A 25 -9.22 4.07 0.55
CA LYS A 25 -10.02 5.27 0.60
C LYS A 25 -9.89 6.06 -0.70
ZN ZN B . -0.62 2.24 1.05
N ALA A 1 -4.36 0.36 -5.37
CA ALA A 1 -3.11 -0.40 -5.64
C ALA A 1 -1.90 0.30 -5.01
N VAL A 2 -0.94 -0.49 -4.55
CA VAL A 2 0.27 0.05 -3.92
C VAL A 2 1.01 0.98 -4.88
N SER A 3 0.90 0.71 -6.18
CA SER A 3 1.56 1.53 -7.19
C SER A 3 1.09 2.98 -7.11
N ALA A 4 -0.16 3.18 -6.70
CA ALA A 4 -0.72 4.51 -6.57
C ALA A 4 -0.98 4.86 -5.12
N CYS A 5 -0.21 4.27 -4.21
CA CYS A 5 -0.37 4.52 -2.79
C CYS A 5 0.11 5.93 -2.44
N ALA A 6 -0.54 6.53 -1.43
CA ALA A 6 -0.19 7.87 -1.00
C ALA A 6 0.50 7.83 0.37
N LEU A 7 0.25 6.77 1.13
CA LEU A 7 0.84 6.62 2.45
C LEU A 7 2.36 6.53 2.37
N PRO A 8 3.09 7.21 3.28
CA PRO A 8 4.55 7.20 3.30
C PRO A 8 5.11 5.92 3.92
N LYS A 9 6.11 5.33 3.27
CA LYS A 9 6.73 4.12 3.76
C LYS A 9 5.70 3.00 3.92
N CYS A 10 4.67 3.03 3.08
CA CYS A 10 3.62 2.03 3.14
C CYS A 10 4.14 0.65 2.75
N ALA A 11 4.82 0.58 1.61
CA ALA A 11 5.39 -0.67 1.13
C ALA A 11 6.33 -1.28 2.15
N ALA A 12 5.97 -2.46 2.66
CA ALA A 12 6.79 -3.15 3.64
C ALA A 12 7.72 -4.16 2.98
N ALA A 13 7.31 -4.68 1.83
CA ALA A 13 8.10 -5.66 1.10
C ALA A 13 7.51 -5.93 -0.28
N ALA A 14 6.94 -4.89 -0.89
CA ALA A 14 6.33 -5.02 -2.21
C ALA A 14 5.17 -6.01 -2.19
N ASN A 15 4.18 -5.73 -1.36
CA ASN A 15 3.01 -6.60 -1.24
C ASN A 15 1.73 -5.79 -1.21
N VAL A 16 1.11 -5.68 -2.37
CA VAL A 16 -0.13 -4.95 -2.54
C VAL A 16 -1.12 -5.28 -1.42
N ALA A 17 -1.26 -6.57 -1.11
CA ALA A 17 -2.18 -7.01 -0.06
C ALA A 17 -1.88 -6.29 1.24
N ALA A 18 -0.61 -6.29 1.64
CA ALA A 18 -0.21 -5.62 2.88
C ALA A 18 -0.51 -4.13 2.81
N HIS A 19 -0.64 -3.61 1.59
CA HIS A 19 -0.93 -2.20 1.38
C HIS A 19 -2.43 -1.94 1.33
N MET A 20 -3.11 -2.51 0.33
CA MET A 20 -4.56 -2.32 0.18
C MET A 20 -5.31 -2.59 1.49
N THR A 21 -4.70 -3.38 2.37
CA THR A 21 -5.32 -3.71 3.66
C THR A 21 -5.76 -2.46 4.42
N HIS A 22 -5.14 -1.33 4.13
CA HIS A 22 -5.47 -0.08 4.80
C HIS A 22 -5.78 1.02 3.80
N CYS A 23 -5.07 0.98 2.69
CA CYS A 23 -5.24 1.96 1.64
C CYS A 23 -6.40 1.61 0.72
N ALA A 24 -7.56 2.18 0.99
CA ALA A 24 -8.75 1.92 0.19
C ALA A 24 -9.74 3.08 0.27
N LYS A 25 -9.31 4.25 -0.20
CA LYS A 25 -10.15 5.44 -0.18
C LYS A 25 -9.95 6.28 -1.43
ZN ZN B . -0.63 2.25 1.05
N ALA A 1 -4.32 0.66 -5.46
CA ALA A 1 -3.15 -0.24 -5.41
C ALA A 1 -1.94 0.46 -4.77
N VAL A 2 -0.96 -0.33 -4.36
CA VAL A 2 0.24 0.22 -3.73
C VAL A 2 0.97 1.17 -4.66
N SER A 3 0.88 0.91 -5.96
CA SER A 3 1.52 1.74 -6.96
C SER A 3 0.99 3.16 -6.90
N ALA A 4 -0.28 3.31 -6.52
CA ALA A 4 -0.90 4.62 -6.44
C ALA A 4 -1.13 5.02 -4.97
N CYS A 5 -0.36 4.42 -4.07
CA CYS A 5 -0.49 4.73 -2.65
C CYS A 5 0.12 6.09 -2.33
N ALA A 6 -0.59 6.88 -1.53
CA ALA A 6 -0.13 8.20 -1.15
C ALA A 6 0.67 8.15 0.15
N LEU A 7 0.44 7.12 0.95
CA LEU A 7 1.14 6.96 2.22
C LEU A 7 2.61 6.61 2.00
N PRO A 8 3.53 7.33 2.67
CA PRO A 8 4.97 7.09 2.53
C PRO A 8 5.43 5.86 3.31
N LYS A 9 6.29 5.06 2.69
CA LYS A 9 6.80 3.86 3.33
C LYS A 9 5.66 2.92 3.73
N CYS A 10 4.57 2.99 2.98
CA CYS A 10 3.40 2.15 3.25
C CYS A 10 3.74 0.67 3.07
N ALA A 11 4.36 0.35 1.93
CA ALA A 11 4.74 -1.03 1.64
C ALA A 11 5.75 -1.55 2.65
N ALA A 12 5.71 -2.86 2.90
CA ALA A 12 6.62 -3.48 3.84
C ALA A 12 7.65 -4.35 3.13
N ALA A 13 7.30 -4.84 1.94
CA ALA A 13 8.19 -5.67 1.15
C ALA A 13 7.67 -5.87 -0.26
N ALA A 14 7.02 -4.83 -0.79
CA ALA A 14 6.47 -4.89 -2.15
C ALA A 14 5.32 -5.89 -2.22
N ASN A 15 4.30 -5.68 -1.40
CA ASN A 15 3.14 -6.56 -1.37
C ASN A 15 1.85 -5.76 -1.29
N VAL A 16 1.24 -5.58 -2.44
CA VAL A 16 -0.02 -4.85 -2.56
C VAL A 16 -0.99 -5.25 -1.46
N ALA A 17 -1.04 -6.54 -1.15
CA ALA A 17 -1.94 -7.04 -0.11
C ALA A 17 -1.70 -6.32 1.21
N ALA A 18 -0.43 -6.27 1.63
CA ALA A 18 -0.07 -5.60 2.86
C ALA A 18 -0.44 -4.12 2.81
N HIS A 19 -0.58 -3.58 1.60
CA HIS A 19 -0.93 -2.19 1.41
C HIS A 19 -2.45 -2.00 1.34
N MET A 20 -3.09 -2.60 0.34
CA MET A 20 -4.53 -2.47 0.16
C MET A 20 -5.29 -2.80 1.46
N THR A 21 -4.66 -3.57 2.34
CA THR A 21 -5.28 -3.95 3.61
C THR A 21 -5.78 -2.74 4.38
N HIS A 22 -5.21 -1.57 4.12
CA HIS A 22 -5.61 -0.34 4.81
C HIS A 22 -5.97 0.75 3.82
N CYS A 23 -5.25 0.76 2.71
CA CYS A 23 -5.44 1.74 1.67
C CYS A 23 -6.57 1.33 0.73
N ALA A 24 -7.70 2.02 0.83
CA ALA A 24 -8.85 1.72 -0.01
C ALA A 24 -9.86 2.86 0.01
N LYS A 25 -9.36 4.09 0.19
CA LYS A 25 -10.22 5.26 0.24
C LYS A 25 -10.06 6.10 -1.03
ZN ZN B . -0.84 2.28 1.15
N ALA A 1 -4.07 0.41 -5.06
CA ALA A 1 -2.83 -0.40 -5.13
C ALA A 1 -1.64 0.36 -4.56
N VAL A 2 -0.60 -0.38 -4.18
CA VAL A 2 0.60 0.23 -3.62
C VAL A 2 1.23 1.21 -4.61
N SER A 3 1.05 0.95 -5.90
CA SER A 3 1.61 1.80 -6.94
C SER A 3 0.96 3.18 -6.90
N ALA A 4 -0.30 3.23 -6.49
CA ALA A 4 -1.03 4.49 -6.41
C ALA A 4 -1.25 4.92 -4.96
N CYS A 5 -0.43 4.39 -4.06
CA CYS A 5 -0.54 4.71 -2.64
C CYS A 5 0.07 6.08 -2.36
N ALA A 6 -0.63 6.86 -1.53
CA ALA A 6 -0.16 8.20 -1.17
C ALA A 6 0.65 8.17 0.12
N LEU A 7 0.44 7.14 0.93
CA LEU A 7 1.15 7.00 2.20
C LEU A 7 2.62 6.68 1.96
N PRO A 8 3.55 7.37 2.65
CA PRO A 8 4.98 7.14 2.52
C PRO A 8 5.44 5.90 3.27
N LYS A 9 6.28 5.09 2.62
CA LYS A 9 6.80 3.87 3.22
C LYS A 9 5.66 2.95 3.65
N CYS A 10 4.55 3.03 2.93
CA CYS A 10 3.38 2.19 3.22
C CYS A 10 3.70 0.71 3.02
N ALA A 11 4.34 0.40 1.90
CA ALA A 11 4.70 -0.98 1.59
C ALA A 11 5.67 -1.54 2.63
N ALA A 12 5.61 -2.85 2.84
CA ALA A 12 6.48 -3.51 3.80
C ALA A 12 7.53 -4.37 3.11
N ALA A 13 7.20 -4.83 1.91
CA ALA A 13 8.12 -5.67 1.14
C ALA A 13 7.61 -5.86 -0.29
N ALA A 14 6.98 -4.83 -0.83
CA ALA A 14 6.45 -4.90 -2.19
C ALA A 14 5.29 -5.89 -2.29
N ASN A 15 4.26 -5.67 -1.48
CA ASN A 15 3.09 -6.54 -1.47
C ASN A 15 1.81 -5.74 -1.37
N VAL A 16 1.18 -5.54 -2.51
CA VAL A 16 -0.06 -4.80 -2.61
C VAL A 16 -1.04 -5.21 -1.50
N ALA A 17 -1.08 -6.50 -1.20
CA ALA A 17 -1.97 -7.01 -0.16
C ALA A 17 -1.72 -6.30 1.17
N ALA A 18 -0.45 -6.26 1.57
CA ALA A 18 -0.07 -5.59 2.81
C ALA A 18 -0.46 -4.12 2.78
N HIS A 19 -0.60 -3.58 1.58
CA HIS A 19 -0.97 -2.17 1.40
C HIS A 19 -2.48 -2.00 1.34
N MET A 20 -3.12 -2.58 0.34
CA MET A 20 -4.57 -2.45 0.18
C MET A 20 -5.31 -2.79 1.47
N THR A 21 -4.68 -3.57 2.34
CA THR A 21 -5.28 -3.97 3.61
C THR A 21 -5.78 -2.76 4.41
N HIS A 22 -5.21 -1.59 4.15
CA HIS A 22 -5.61 -0.38 4.85
C HIS A 22 -5.98 0.73 3.87
N CYS A 23 -5.27 0.74 2.75
CA CYS A 23 -5.48 1.74 1.72
C CYS A 23 -6.61 1.34 0.79
N ALA A 24 -7.73 2.07 0.86
CA ALA A 24 -8.87 1.79 0.01
C ALA A 24 -9.75 3.02 -0.15
N LYS A 25 -9.13 4.19 -0.14
CA LYS A 25 -9.85 5.45 -0.27
C LYS A 25 -9.78 5.96 -1.71
ZN ZN B . -0.88 2.29 1.17
N ALA A 1 -4.31 0.54 -5.05
CA ALA A 1 -3.06 -0.20 -5.35
C ALA A 1 -1.86 0.48 -4.72
N VAL A 2 -0.87 -0.31 -4.32
CA VAL A 2 0.34 0.22 -3.70
C VAL A 2 1.06 1.17 -4.65
N SER A 3 0.94 0.92 -5.95
CA SER A 3 1.58 1.76 -6.96
C SER A 3 1.02 3.18 -6.91
N ALA A 4 -0.24 3.31 -6.54
CA ALA A 4 -0.89 4.61 -6.45
C ALA A 4 -1.13 5.01 -5.00
N CYS A 5 -0.36 4.42 -4.09
CA CYS A 5 -0.49 4.72 -2.66
C CYS A 5 0.10 6.09 -2.34
N ALA A 6 -0.63 6.87 -1.54
CA ALA A 6 -0.17 8.20 -1.15
C ALA A 6 0.63 8.15 0.15
N LEU A 7 0.40 7.11 0.95
CA LEU A 7 1.10 6.96 2.21
C LEU A 7 2.58 6.62 1.98
N PRO A 8 3.50 7.35 2.65
CA PRO A 8 4.94 7.12 2.51
C PRO A 8 5.41 5.89 3.29
N LYS A 9 6.27 5.09 2.67
CA LYS A 9 6.79 3.88 3.30
C LYS A 9 5.66 2.94 3.70
N CYS A 10 4.56 2.99 2.95
CA CYS A 10 3.41 2.15 3.23
C CYS A 10 3.76 0.68 3.04
N ALA A 11 4.36 0.36 1.90
CA ALA A 11 4.75 -1.01 1.59
C ALA A 11 5.76 -1.53 2.61
N ALA A 12 5.71 -2.84 2.87
CA ALA A 12 6.61 -3.46 3.82
C ALA A 12 7.63 -4.36 3.12
N ALA A 13 7.26 -4.85 1.95
CA ALA A 13 8.14 -5.71 1.17
C ALA A 13 7.62 -5.91 -0.24
N ALA A 14 7.01 -4.86 -0.80
CA ALA A 14 6.46 -4.92 -2.14
C ALA A 14 5.31 -5.92 -2.22
N ASN A 15 4.28 -5.70 -1.42
CA ASN A 15 3.12 -6.58 -1.40
C ASN A 15 1.83 -5.77 -1.32
N VAL A 16 1.22 -5.59 -2.46
CA VAL A 16 -0.04 -4.86 -2.58
C VAL A 16 -1.01 -5.25 -1.48
N ALA A 17 -1.06 -6.53 -1.16
CA ALA A 17 -1.95 -7.03 -0.12
C ALA A 17 -1.70 -6.31 1.20
N ALA A 18 -0.44 -6.26 1.61
CA ALA A 18 -0.06 -5.60 2.85
C ALA A 18 -0.44 -4.12 2.80
N HIS A 19 -0.57 -3.59 1.58
CA HIS A 19 -0.94 -2.19 1.40
C HIS A 19 -2.46 -2.00 1.34
N MET A 20 -3.09 -2.59 0.33
CA MET A 20 -4.54 -2.47 0.16
C MET A 20 -5.29 -2.80 1.46
N THR A 21 -4.66 -3.57 2.34
CA THR A 21 -5.28 -3.95 3.61
C THR A 21 -5.78 -2.74 4.38
N HIS A 22 -5.20 -1.58 4.12
CA HIS A 22 -5.61 -0.35 4.82
C HIS A 22 -5.96 0.74 3.82
N CYS A 23 -5.25 0.76 2.71
CA CYS A 23 -5.44 1.74 1.68
C CYS A 23 -6.57 1.33 0.73
N ALA A 24 -7.76 1.90 0.95
CA ALA A 24 -8.91 1.59 0.13
C ALA A 24 -9.93 2.73 0.17
N LYS A 25 -9.44 3.96 0.26
CA LYS A 25 -10.30 5.13 0.31
C LYS A 25 -10.58 5.65 -1.10
ZN ZN B . -0.84 2.27 1.14
N ALA A 1 -4.41 0.36 -5.29
CA ALA A 1 -3.10 -0.29 -5.62
C ALA A 1 -1.95 0.42 -4.94
N VAL A 2 -1.00 -0.35 -4.44
CA VAL A 2 0.17 0.21 -3.76
C VAL A 2 0.93 1.17 -4.67
N SER A 3 0.87 0.92 -5.97
CA SER A 3 1.54 1.77 -6.95
C SER A 3 1.02 3.19 -6.88
N ALA A 4 -0.25 3.34 -6.52
CA ALA A 4 -0.88 4.65 -6.43
C ALA A 4 -1.11 5.05 -4.97
N CYS A 5 -0.36 4.44 -4.06
CA CYS A 5 -0.48 4.74 -2.64
C CYS A 5 0.13 6.10 -2.31
N ALA A 6 -0.59 6.88 -1.51
CA ALA A 6 -0.12 8.20 -1.13
C ALA A 6 0.68 8.15 0.18
N LEU A 7 0.45 7.11 0.97
CA LEU A 7 1.15 6.94 2.23
C LEU A 7 2.63 6.60 2.01
N PRO A 8 3.55 7.32 2.67
CA PRO A 8 4.98 7.08 2.53
C PRO A 8 5.45 5.84 3.30
N LYS A 9 6.31 5.05 2.67
CA LYS A 9 6.82 3.84 3.31
C LYS A 9 5.68 2.90 3.71
N CYS A 10 4.58 2.96 2.96
CA CYS A 10 3.42 2.12 3.23
C CYS A 10 3.76 0.65 3.04
N ALA A 11 4.39 0.34 1.91
CA ALA A 11 4.76 -1.03 1.61
C ALA A 11 5.80 -1.56 2.61
N ALA A 12 5.69 -2.84 2.94
CA ALA A 12 6.61 -3.46 3.88
C ALA A 12 7.64 -4.33 3.16
N ALA A 13 7.29 -4.80 1.97
CA ALA A 13 8.18 -5.64 1.18
C ALA A 13 7.65 -5.83 -0.24
N ALA A 14 7.01 -4.79 -0.76
CA ALA A 14 6.46 -4.85 -2.11
C ALA A 14 5.32 -5.86 -2.20
N ASN A 15 4.29 -5.65 -1.37
CA ASN A 15 3.14 -6.54 -1.35
C ASN A 15 1.84 -5.75 -1.27
N VAL A 16 1.24 -5.57 -2.44
CA VAL A 16 -0.02 -4.85 -2.57
C VAL A 16 -1.00 -5.25 -1.47
N ALA A 17 -1.06 -6.54 -1.17
CA ALA A 17 -1.96 -7.03 -0.13
C ALA A 17 -1.72 -6.31 1.19
N ALA A 18 -0.45 -6.27 1.60
CA ALA A 18 -0.08 -5.60 2.84
C ALA A 18 -0.45 -4.12 2.80
N HIS A 19 -0.59 -3.59 1.59
CA HIS A 19 -0.94 -2.19 1.40
C HIS A 19 -2.46 -2.00 1.34
N MET A 20 -3.10 -2.58 0.33
CA MET A 20 -4.54 -2.46 0.17
C MET A 20 -5.30 -2.79 1.47
N THR A 21 -4.66 -3.56 2.33
CA THR A 21 -5.28 -3.95 3.61
C THR A 21 -5.78 -2.74 4.39
N HIS A 22 -5.20 -1.57 4.13
CA HIS A 22 -5.60 -0.35 4.83
C HIS A 22 -5.95 0.75 3.84
N CYS A 23 -5.24 0.75 2.73
CA CYS A 23 -5.43 1.75 1.70
C CYS A 23 -6.57 1.35 0.75
N ALA A 24 -7.60 2.19 0.68
CA ALA A 24 -8.74 1.93 -0.19
C ALA A 24 -9.70 3.11 -0.21
N LYS A 25 -9.15 4.32 -0.15
CA LYS A 25 -9.96 5.53 -0.17
C LYS A 25 -9.42 6.53 -1.19
ZN ZN B . -0.83 2.26 1.16
N ALA A 1 -4.36 0.38 -5.44
CA ALA A 1 -3.08 -0.37 -5.57
C ALA A 1 -1.94 0.37 -4.90
N VAL A 2 -0.97 -0.37 -4.38
CA VAL A 2 0.18 0.22 -3.71
C VAL A 2 0.93 1.17 -4.63
N SER A 3 0.86 0.91 -5.94
CA SER A 3 1.53 1.75 -6.92
C SER A 3 1.00 3.18 -6.86
N ALA A 4 -0.28 3.31 -6.50
CA ALA A 4 -0.90 4.62 -6.42
C ALA A 4 -1.13 5.03 -4.96
N CYS A 5 -0.37 4.44 -4.06
CA CYS A 5 -0.49 4.73 -2.63
C CYS A 5 0.12 6.10 -2.32
N ALA A 6 -0.59 6.88 -1.50
CA ALA A 6 -0.13 8.20 -1.11
C ALA A 6 0.68 8.15 0.18
N LEU A 7 0.46 7.11 0.98
CA LEU A 7 1.17 6.95 2.24
C LEU A 7 2.64 6.61 2.00
N PRO A 8 3.57 7.32 2.68
CA PRO A 8 5.01 7.08 2.53
C PRO A 8 5.47 5.84 3.29
N LYS A 9 6.31 5.04 2.65
CA LYS A 9 6.83 3.83 3.26
C LYS A 9 5.70 2.90 3.67
N CYS A 10 4.59 2.97 2.93
CA CYS A 10 3.42 2.12 3.22
C CYS A 10 3.76 0.65 3.01
N ALA A 11 4.42 0.35 1.91
CA ALA A 11 4.79 -1.02 1.59
C ALA A 11 5.82 -1.55 2.58
N ALA A 12 5.67 -2.81 2.96
CA ALA A 12 6.59 -3.44 3.91
C ALA A 12 7.62 -4.32 3.19
N ALA A 13 7.26 -4.79 2.00
CA ALA A 13 8.15 -5.64 1.22
C ALA A 13 7.62 -5.82 -0.21
N ALA A 14 7.00 -4.76 -0.73
CA ALA A 14 6.44 -4.81 -2.08
C ALA A 14 5.32 -5.82 -2.19
N ASN A 15 4.28 -5.62 -1.36
CA ASN A 15 3.13 -6.52 -1.37
C ASN A 15 1.84 -5.73 -1.30
N VAL A 16 1.23 -5.56 -2.46
CA VAL A 16 -0.03 -4.85 -2.60
C VAL A 16 -1.01 -5.24 -1.50
N ALA A 17 -1.07 -6.53 -1.19
CA ALA A 17 -1.97 -7.02 -0.16
C ALA A 17 -1.72 -6.32 1.16
N ALA A 18 -0.46 -6.26 1.56
CA ALA A 18 -0.08 -5.61 2.81
C ALA A 18 -0.45 -4.13 2.77
N HIS A 19 -0.59 -3.59 1.56
CA HIS A 19 -0.95 -2.18 1.38
C HIS A 19 -2.46 -2.00 1.34
N MET A 20 -3.10 -2.57 0.32
CA MET A 20 -4.55 -2.46 0.17
C MET A 20 -5.30 -2.79 1.47
N THR A 21 -4.66 -3.56 2.33
CA THR A 21 -5.28 -3.97 3.60
C THR A 21 -5.77 -2.76 4.39
N HIS A 22 -5.19 -1.58 4.14
CA HIS A 22 -5.59 -0.37 4.84
C HIS A 22 -5.95 0.74 3.86
N CYS A 23 -5.24 0.76 2.75
CA CYS A 23 -5.44 1.75 1.73
C CYS A 23 -6.57 1.36 0.78
N ALA A 24 -7.59 2.21 0.69
CA ALA A 24 -8.74 1.95 -0.17
C ALA A 24 -9.63 3.18 -0.28
N LYS A 25 -9.01 4.36 -0.29
CA LYS A 25 -9.75 5.60 -0.39
C LYS A 25 -9.13 6.52 -1.43
ZN ZN B . -0.83 2.27 1.17
N ALA A 1 -4.14 0.05 -5.03
CA ALA A 1 -2.81 -0.52 -5.36
C ALA A 1 -1.69 0.28 -4.72
N VAL A 2 -0.67 -0.42 -4.23
CA VAL A 2 0.46 0.23 -3.59
C VAL A 2 1.14 1.22 -4.54
N SER A 3 1.06 0.94 -5.83
CA SER A 3 1.66 1.81 -6.84
C SER A 3 1.04 3.20 -6.81
N ALA A 4 -0.25 3.25 -6.48
CA ALA A 4 -0.97 4.51 -6.41
C ALA A 4 -1.21 4.95 -4.96
N CYS A 5 -0.41 4.40 -4.04
CA CYS A 5 -0.52 4.73 -2.63
C CYS A 5 0.07 6.11 -2.34
N ALA A 6 -0.62 6.88 -1.52
CA ALA A 6 -0.16 8.21 -1.16
C ALA A 6 0.66 8.18 0.14
N LEU A 7 0.44 7.16 0.95
CA LEU A 7 1.16 7.02 2.21
C LEU A 7 2.63 6.69 1.98
N PRO A 8 3.55 7.38 2.67
CA PRO A 8 4.99 7.15 2.53
C PRO A 8 5.45 5.90 3.28
N LYS A 9 6.28 5.10 2.62
CA LYS A 9 6.80 3.88 3.23
C LYS A 9 5.66 2.95 3.64
N CYS A 10 4.55 3.03 2.93
CA CYS A 10 3.38 2.20 3.23
C CYS A 10 3.71 0.72 3.02
N ALA A 11 4.35 0.41 1.91
CA ALA A 11 4.72 -0.97 1.58
C ALA A 11 5.67 -1.53 2.63
N ALA A 12 5.61 -2.84 2.83
CA ALA A 12 6.48 -3.51 3.80
C ALA A 12 7.52 -4.37 3.11
N ALA A 13 7.20 -4.83 1.90
CA ALA A 13 8.10 -5.67 1.13
C ALA A 13 7.60 -5.87 -0.30
N ALA A 14 6.97 -4.83 -0.84
CA ALA A 14 6.44 -4.89 -2.20
C ALA A 14 5.29 -5.88 -2.29
N ASN A 15 4.26 -5.66 -1.49
CA ASN A 15 3.09 -6.53 -1.48
C ASN A 15 1.81 -5.72 -1.38
N VAL A 16 1.18 -5.54 -2.53
CA VAL A 16 -0.07 -4.80 -2.62
C VAL A 16 -1.04 -5.20 -1.51
N ALA A 17 -1.09 -6.50 -1.20
CA ALA A 17 -1.97 -7.00 -0.17
C ALA A 17 -1.71 -6.29 1.16
N ALA A 18 -0.45 -6.24 1.56
CA ALA A 18 -0.07 -5.58 2.80
C ALA A 18 -0.45 -4.10 2.77
N HIS A 19 -0.59 -3.56 1.56
CA HIS A 19 -0.96 -2.16 1.39
C HIS A 19 -2.48 -1.99 1.35
N MET A 20 -3.12 -2.56 0.33
CA MET A 20 -4.57 -2.44 0.18
C MET A 20 -5.31 -2.79 1.48
N THR A 21 -4.66 -3.57 2.34
CA THR A 21 -5.27 -3.97 3.61
C THR A 21 -5.77 -2.77 4.41
N HIS A 22 -5.20 -1.59 4.15
CA HIS A 22 -5.61 -0.38 4.86
C HIS A 22 -5.97 0.73 3.88
N CYS A 23 -5.27 0.75 2.77
CA CYS A 23 -5.48 1.75 1.74
C CYS A 23 -6.61 1.34 0.80
N ALA A 24 -7.66 2.15 0.77
CA ALA A 24 -8.81 1.89 -0.09
C ALA A 24 -9.80 3.04 -0.06
N LYS A 25 -9.28 4.26 0.00
CA LYS A 25 -10.12 5.46 0.05
C LYS A 25 -9.80 6.39 -1.13
ZN ZN B . -0.88 2.30 1.19
N ALA A 1 -4.18 -0.09 -4.45
CA ALA A 1 -2.95 -0.45 -5.21
C ALA A 1 -1.74 0.30 -4.69
N VAL A 2 -0.70 -0.44 -4.33
CA VAL A 2 0.53 0.15 -3.81
C VAL A 2 1.15 1.11 -4.83
N SER A 3 0.93 0.82 -6.11
CA SER A 3 1.46 1.65 -7.19
C SER A 3 0.92 3.07 -7.09
N ALA A 4 -0.32 3.20 -6.63
CA ALA A 4 -0.95 4.50 -6.50
C ALA A 4 -1.17 4.86 -5.03
N CYS A 5 -0.31 4.32 -4.16
CA CYS A 5 -0.41 4.59 -2.73
C CYS A 5 0.12 5.98 -2.40
N ALA A 6 -0.52 6.64 -1.44
CA ALA A 6 -0.10 7.97 -1.03
C ALA A 6 0.64 7.93 0.31
N LEU A 7 0.41 6.86 1.08
CA LEU A 7 1.05 6.71 2.38
C LEU A 7 2.57 6.56 2.22
N PRO A 8 3.34 7.22 3.10
CA PRO A 8 4.81 7.16 3.05
C PRO A 8 5.36 5.86 3.65
N LYS A 9 6.28 5.23 2.94
CA LYS A 9 6.88 3.98 3.40
C LYS A 9 5.81 2.92 3.67
N CYS A 10 4.70 3.02 2.94
CA CYS A 10 3.60 2.07 3.09
C CYS A 10 4.05 0.66 2.72
N ALA A 11 4.73 0.54 1.58
CA ALA A 11 5.21 -0.76 1.12
C ALA A 11 6.12 -1.41 2.15
N ALA A 12 5.61 -2.45 2.83
CA ALA A 12 6.38 -3.15 3.84
C ALA A 12 7.40 -4.08 3.20
N ALA A 13 7.08 -4.57 2.01
CA ALA A 13 7.98 -5.48 1.29
C ALA A 13 7.48 -5.74 -0.13
N ALA A 14 6.88 -4.71 -0.73
CA ALA A 14 6.35 -4.83 -2.09
C ALA A 14 5.22 -5.85 -2.15
N ASN A 15 4.17 -5.62 -1.36
CA ASN A 15 3.03 -6.52 -1.33
C ASN A 15 1.73 -5.74 -1.29
N VAL A 16 1.13 -5.61 -2.47
CA VAL A 16 -0.14 -4.91 -2.62
C VAL A 16 -1.13 -5.28 -1.53
N ALA A 17 -1.23 -6.57 -1.24
CA ALA A 17 -2.14 -7.05 -0.20
C ALA A 17 -1.87 -6.35 1.12
N ALA A 18 -0.60 -6.33 1.54
CA ALA A 18 -0.21 -5.69 2.77
C ALA A 18 -0.53 -4.19 2.73
N HIS A 19 -0.65 -3.66 1.53
CA HIS A 19 -0.96 -2.24 1.34
C HIS A 19 -2.47 -2.00 1.28
N MET A 20 -3.13 -2.56 0.28
CA MET A 20 -4.58 -2.38 0.12
C MET A 20 -5.32 -2.67 1.42
N THR A 21 -4.73 -3.47 2.29
CA THR A 21 -5.35 -3.84 3.56
C THR A 21 -5.78 -2.60 4.36
N HIS A 22 -5.14 -1.47 4.09
CA HIS A 22 -5.47 -0.22 4.80
C HIS A 22 -5.78 0.90 3.82
N CYS A 23 -5.10 0.87 2.69
CA CYS A 23 -5.27 1.88 1.67
C CYS A 23 -6.43 1.53 0.74
N ALA A 24 -7.56 2.19 0.94
CA ALA A 24 -8.74 1.96 0.12
C ALA A 24 -9.81 3.01 0.39
N LYS A 25 -9.48 4.27 0.16
CA LYS A 25 -10.42 5.37 0.38
C LYS A 25 -10.29 6.41 -0.72
ZN ZN B . -0.66 2.23 1.07
N ALA A 1 -3.80 1.03 -5.28
CA ALA A 1 -2.76 -0.02 -5.07
C ALA A 1 -1.46 0.58 -4.55
N VAL A 2 -0.51 -0.28 -4.22
CA VAL A 2 0.78 0.17 -3.71
C VAL A 2 1.48 1.09 -4.71
N SER A 3 1.21 0.88 -5.99
CA SER A 3 1.81 1.70 -7.04
C SER A 3 1.29 3.13 -6.98
N ALA A 4 0.05 3.28 -6.55
CA ALA A 4 -0.57 4.59 -6.45
C ALA A 4 -0.93 4.93 -5.01
N CYS A 5 -0.19 4.34 -4.07
CA CYS A 5 -0.43 4.58 -2.64
C CYS A 5 -0.05 6.01 -2.27
N ALA A 6 -0.89 6.63 -1.44
CA ALA A 6 -0.64 8.00 -0.99
C ALA A 6 0.15 8.01 0.32
N LEU A 7 -0.01 6.94 1.10
CA LEU A 7 0.69 6.82 2.37
C LEU A 7 2.19 6.65 2.16
N PRO A 8 3.01 7.12 3.13
CA PRO A 8 4.46 7.02 3.04
C PRO A 8 4.96 5.58 3.25
N LYS A 9 5.71 5.07 2.28
CA LYS A 9 6.25 3.73 2.35
C LYS A 9 5.12 2.70 2.29
N CYS A 10 4.42 2.53 3.41
CA CYS A 10 3.31 1.57 3.49
C CYS A 10 3.83 0.14 3.37
N ALA A 11 4.19 -0.25 2.15
CA ALA A 11 4.69 -1.60 1.90
C ALA A 11 6.18 -1.68 2.18
N ALA A 12 6.59 -2.76 2.85
CA ALA A 12 8.00 -2.96 3.19
C ALA A 12 8.54 -4.23 2.53
N ALA A 13 7.90 -4.65 1.45
CA ALA A 13 8.34 -5.85 0.73
C ALA A 13 7.53 -6.06 -0.54
N ALA A 14 7.12 -4.97 -1.18
CA ALA A 14 6.33 -5.03 -2.41
C ALA A 14 5.15 -5.98 -2.25
N ASN A 15 4.26 -5.67 -1.31
CA ASN A 15 3.08 -6.49 -1.07
C ASN A 15 1.82 -5.65 -1.04
N VAL A 16 1.18 -5.59 -2.20
CA VAL A 16 -0.05 -4.83 -2.36
C VAL A 16 -1.07 -5.18 -1.27
N ALA A 17 -1.18 -6.46 -0.96
CA ALA A 17 -2.11 -6.93 0.06
C ALA A 17 -1.88 -6.19 1.38
N ALA A 18 -0.63 -6.17 1.83
CA ALA A 18 -0.27 -5.50 3.07
C ALA A 18 -0.61 -4.01 2.98
N HIS A 19 -0.69 -3.50 1.76
CA HIS A 19 -1.01 -2.08 1.54
C HIS A 19 -2.52 -1.86 1.43
N MET A 20 -3.14 -2.45 0.40
CA MET A 20 -4.58 -2.28 0.20
C MET A 20 -5.38 -2.55 1.47
N THR A 21 -4.79 -3.33 2.38
CA THR A 21 -5.46 -3.67 3.64
C THR A 21 -5.96 -2.43 4.38
N HIS A 22 -5.35 -1.28 4.10
CA HIS A 22 -5.74 -0.03 4.75
C HIS A 22 -6.03 1.05 3.73
N CYS A 23 -5.27 1.02 2.65
CA CYS A 23 -5.41 2.00 1.59
C CYS A 23 -6.52 1.61 0.62
N ALA A 24 -6.67 2.39 -0.45
CA ALA A 24 -7.70 2.12 -1.45
C ALA A 24 -9.09 2.18 -0.83
N LYS A 25 -9.48 3.35 -0.36
CA LYS A 25 -10.79 3.54 0.25
C LYS A 25 -11.78 4.11 -0.75
ZN ZN B . -0.77 2.35 1.19
N ALA A 1 -4.11 0.69 -4.93
CA ALA A 1 -2.88 -0.07 -5.28
C ALA A 1 -1.65 0.56 -4.64
N VAL A 2 -0.70 -0.27 -4.24
CA VAL A 2 0.53 0.19 -3.62
C VAL A 2 1.31 1.12 -4.57
N SER A 3 1.17 0.87 -5.86
CA SER A 3 1.85 1.68 -6.87
C SER A 3 1.39 3.14 -6.80
N ALA A 4 0.11 3.34 -6.57
CA ALA A 4 -0.45 4.68 -6.48
C ALA A 4 -0.83 5.03 -5.05
N CYS A 5 -0.15 4.39 -4.09
CA CYS A 5 -0.41 4.62 -2.68
C CYS A 5 -0.03 6.05 -2.29
N ALA A 6 -0.86 6.68 -1.47
CA ALA A 6 -0.61 8.04 -1.02
C ALA A 6 0.17 8.04 0.30
N LEU A 7 0.00 6.98 1.08
CA LEU A 7 0.69 6.85 2.36
C LEU A 7 2.18 6.69 2.16
N PRO A 8 2.99 7.14 3.13
CA PRO A 8 4.46 7.03 3.06
C PRO A 8 4.95 5.60 3.25
N LYS A 9 5.70 5.11 2.28
CA LYS A 9 6.24 3.75 2.33
C LYS A 9 5.11 2.72 2.28
N CYS A 10 4.41 2.56 3.40
CA CYS A 10 3.31 1.61 3.48
C CYS A 10 3.82 0.17 3.37
N ALA A 11 4.18 -0.23 2.15
CA ALA A 11 4.68 -1.58 1.91
C ALA A 11 6.16 -1.68 2.24
N ALA A 12 6.56 -2.80 2.84
CA ALA A 12 7.95 -3.01 3.21
C ALA A 12 8.50 -4.28 2.58
N ALA A 13 7.89 -4.71 1.48
CA ALA A 13 8.32 -5.92 0.78
C ALA A 13 7.53 -6.13 -0.51
N ALA A 14 7.16 -5.04 -1.16
CA ALA A 14 6.40 -5.10 -2.40
C ALA A 14 5.19 -6.05 -2.27
N ASN A 15 4.30 -5.72 -1.35
CA ASN A 15 3.10 -6.54 -1.14
C ASN A 15 1.86 -5.67 -1.09
N VAL A 16 1.21 -5.59 -2.24
CA VAL A 16 -0.01 -4.82 -2.38
C VAL A 16 -1.02 -5.17 -1.30
N ALA A 17 -1.13 -6.45 -0.97
CA ALA A 17 -2.07 -6.90 0.05
C ALA A 17 -1.82 -6.16 1.36
N ALA A 18 -0.57 -6.15 1.81
CA ALA A 18 -0.22 -5.46 3.05
C ALA A 18 -0.56 -3.98 2.96
N HIS A 19 -0.65 -3.47 1.73
CA HIS A 19 -0.98 -2.07 1.51
C HIS A 19 -2.50 -1.85 1.40
N MET A 20 -3.11 -2.43 0.38
CA MET A 20 -4.55 -2.28 0.17
C MET A 20 -5.34 -2.56 1.45
N THR A 21 -4.76 -3.33 2.36
CA THR A 21 -5.42 -3.68 3.62
C THR A 21 -5.93 -2.44 4.36
N HIS A 22 -5.32 -1.28 4.08
CA HIS A 22 -5.73 -0.04 4.73
C HIS A 22 -6.03 1.04 3.71
N CYS A 23 -5.26 1.02 2.63
CA CYS A 23 -5.41 1.99 1.56
C CYS A 23 -6.52 1.60 0.60
N ALA A 24 -7.68 2.23 0.75
CA ALA A 24 -8.82 1.94 -0.12
C ALA A 24 -9.81 3.10 -0.12
N LYS A 25 -9.28 4.32 0.02
CA LYS A 25 -10.13 5.51 0.02
C LYS A 25 -10.13 6.18 -1.35
ZN ZN B . -0.78 2.38 1.17
#